data_1PVF
#
_entry.id   1PVF
#
_cell.length_a   69.090
_cell.length_b   71.880
_cell.length_c   91.730
_cell.angle_alpha   90.00
_cell.angle_beta   90.00
_cell.angle_gamma   90.00
#
_symmetry.space_group_name_H-M   'P 21 21 21'
#
loop_
_entity.id
_entity.type
_entity.pdbx_description
1 polymer 'Isopentenyl-diphosphate delta-isomerase'
2 non-polymer 'MANGANESE (II) ION'
3 non-polymer 'MAGNESIUM ION'
4 non-polymer DIPHOSPHATE
5 water water
#
_entity_poly.entity_id   1
_entity_poly.type   'polypeptide(L)'
_entity_poly.pdbx_seq_one_letter_code
;MQTEHVILLNAQGVPTGTLEKYAAHTADTRLHLAFSSWLFNAKGQLLVTRRALSKKAWPGVWTNSVCGHPQLGESNEDAV
IRRCRYELGVEITPPESIYPDFRYRATDPSGIVENEVCPVFAARTTSALQINDDEVMDYQWCDLADVLHGIDATPWAFSP
WMVMQATNREARKRLSAFTQLKL
;
_entity_poly.pdbx_strand_id   A,B
#
# COMPACT_ATOMS: atom_id res chain seq x y z
N GLU A 4 -27.47 -4.21 0.94
CA GLU A 4 -26.73 -5.26 1.63
C GLU A 4 -26.63 -5.02 3.13
N HIS A 5 -26.41 -6.11 3.87
CA HIS A 5 -26.25 -5.94 5.32
C HIS A 5 -25.06 -6.72 5.83
N VAL A 6 -24.76 -6.51 7.10
CA VAL A 6 -23.89 -7.44 7.82
C VAL A 6 -24.76 -8.07 8.92
N ILE A 7 -24.30 -9.22 9.37
CA ILE A 7 -24.98 -9.98 10.41
C ILE A 7 -24.28 -9.82 11.74
N LEU A 8 -24.96 -9.18 12.70
CA LEU A 8 -24.39 -8.97 14.02
C LEU A 8 -24.27 -10.30 14.77
N LEU A 9 -23.15 -10.52 15.46
CA LEU A 9 -22.95 -11.75 16.23
C LEU A 9 -22.71 -11.50 17.71
N ASN A 10 -23.23 -12.41 18.54
CA ASN A 10 -22.99 -12.23 19.98
C ASN A 10 -21.63 -12.86 20.30
N ALA A 11 -21.30 -12.89 21.58
CA ALA A 11 -20.09 -13.55 22.06
C ALA A 11 -19.86 -14.89 21.38
N GLN A 12 -20.77 -15.82 21.63
CA GLN A 12 -20.72 -17.18 21.17
C GLN A 12 -20.90 -17.33 19.66
N GLY A 13 -20.96 -16.22 18.93
CA GLY A 13 -20.99 -16.24 17.49
C GLY A 13 -22.38 -16.36 16.88
N VAL A 14 -23.42 -16.31 17.69
CA VAL A 14 -24.80 -16.46 17.28
C VAL A 14 -25.32 -15.19 16.62
N PRO A 15 -25.89 -15.27 15.42
CA PRO A 15 -26.54 -14.11 14.80
C PRO A 15 -27.63 -13.51 15.68
N THR A 16 -27.58 -12.20 15.92
CA THR A 16 -28.60 -11.58 16.77
C THR A 16 -29.38 -10.51 16.03
N GLY A 17 -28.96 -10.13 14.83
CA GLY A 17 -29.63 -9.08 14.05
C GLY A 17 -28.75 -8.60 12.91
N THR A 18 -29.12 -7.51 12.25
CA THR A 18 -28.34 -7.05 11.10
C THR A 18 -28.20 -5.53 11.09
N LEU A 19 -27.26 -5.02 10.31
CA LEU A 19 -27.09 -3.59 10.11
C LEU A 19 -26.82 -3.33 8.62
N GLU A 20 -27.25 -2.20 8.09
CA GLU A 20 -26.91 -1.91 6.69
C GLU A 20 -25.40 -1.92 6.57
N LYS A 21 -24.81 -2.44 5.49
CA LYS A 21 -23.37 -2.69 5.48
C LYS A 21 -22.57 -1.41 5.60
N TYR A 22 -22.91 -0.39 4.83
CA TYR A 22 -22.12 0.85 4.89
C TYR A 22 -22.15 1.45 6.30
N ALA A 23 -23.33 1.58 6.88
CA ALA A 23 -23.55 2.10 8.22
C ALA A 23 -22.87 1.27 9.30
N ALA A 24 -22.47 0.04 8.96
CA ALA A 24 -21.96 -0.90 9.96
C ALA A 24 -20.49 -0.69 10.25
N HIS A 25 -19.76 -0.14 9.27
CA HIS A 25 -18.32 -0.01 9.47
C HIS A 25 -17.98 1.42 9.85
N THR A 26 -17.52 1.63 11.08
CA THR A 26 -17.34 2.94 11.68
C THR A 26 -16.14 2.88 12.61
N ALA A 27 -15.90 3.92 13.42
CA ALA A 27 -14.75 3.82 14.33
C ALA A 27 -15.03 2.85 15.47
N ASP A 28 -16.30 2.47 15.57
CA ASP A 28 -16.79 1.61 16.64
C ASP A 28 -17.47 0.37 16.08
N THR A 29 -16.91 -0.25 15.04
CA THR A 29 -17.61 -1.37 14.43
C THR A 29 -17.87 -2.53 15.39
N ARG A 30 -19.12 -2.99 15.37
CA ARG A 30 -19.51 -4.10 16.24
C ARG A 30 -19.23 -5.45 15.60
N LEU A 31 -19.04 -6.51 16.40
CA LEU A 31 -18.68 -7.78 15.78
C LEU A 31 -19.71 -8.28 14.78
N HIS A 32 -19.25 -8.73 13.61
CA HIS A 32 -20.22 -9.28 12.66
C HIS A 32 -19.58 -10.36 11.80
N LEU A 33 -20.37 -11.02 10.96
CA LEU A 33 -19.91 -12.13 10.13
C LEU A 33 -19.27 -11.64 8.83
N ALA A 34 -18.20 -12.33 8.43
CA ALA A 34 -17.55 -12.02 7.16
C ALA A 34 -16.90 -13.27 6.60
N PHE A 35 -16.27 -13.18 5.43
CA PHE A 35 -15.44 -14.25 4.95
C PHE A 35 -14.18 -13.63 4.33
N SER A 36 -13.15 -14.41 4.13
CA SER A 36 -12.01 -13.96 3.32
C SER A 36 -11.67 -15.06 2.34
N SER A 37 -11.37 -14.76 1.09
CA SER A 37 -11.03 -15.76 0.09
C SER A 37 -9.71 -15.46 -0.60
N TRP A 38 -9.00 -16.49 -0.96
CA TRP A 38 -7.73 -16.46 -1.67
C TRP A 38 -7.89 -17.21 -2.99
N LEU A 39 -7.77 -16.53 -4.12
CA LEU A 39 -8.05 -17.18 -5.40
C LEU A 39 -6.79 -17.44 -6.20
N PHE A 40 -6.73 -18.62 -6.79
CA PHE A 40 -5.57 -19.01 -7.60
C PHE A 40 -6.00 -19.34 -9.01
N ASN A 41 -5.16 -19.11 -10.03
CA ASN A 41 -5.68 -19.51 -11.34
C ASN A 41 -5.27 -20.94 -11.66
N ALA A 42 -5.60 -21.39 -12.87
CA ALA A 42 -5.29 -22.80 -13.17
C ALA A 42 -3.81 -23.08 -13.15
N LYS A 43 -2.98 -22.03 -13.23
CA LYS A 43 -1.53 -22.24 -13.25
C LYS A 43 -0.99 -22.21 -11.82
N GLY A 44 -1.85 -21.97 -10.84
CA GLY A 44 -1.40 -21.92 -9.45
C GLY A 44 -0.96 -20.53 -9.02
N GLN A 45 -1.13 -19.50 -9.85
CA GLN A 45 -0.73 -18.17 -9.37
C GLN A 45 -1.81 -17.62 -8.42
N LEU A 46 -1.38 -16.85 -7.43
CA LEU A 46 -2.29 -16.19 -6.50
C LEU A 46 -2.77 -14.84 -7.06
N LEU A 47 -4.07 -14.57 -6.96
CA LEU A 47 -4.55 -13.23 -7.28
C LEU A 47 -4.44 -12.32 -6.05
N VAL A 48 -3.63 -11.28 -6.09
CA VAL A 48 -3.64 -10.29 -5.00
C VAL A 48 -4.34 -9.03 -5.48
N THR A 49 -5.19 -8.40 -4.66
CA THR A 49 -5.94 -7.27 -5.17
C THR A 49 -5.65 -6.00 -4.35
N ARG A 50 -5.90 -4.85 -4.97
CA ARG A 50 -5.80 -3.58 -4.28
C ARG A 50 -7.19 -2.96 -4.19
N ARG A 51 -7.61 -2.69 -2.98
CA ARG A 51 -8.96 -2.18 -2.71
C ARG A 51 -9.15 -0.79 -3.30
N ALA A 52 -10.30 -0.54 -3.89
CA ALA A 52 -10.56 0.75 -4.53
C ALA A 52 -10.39 1.88 -3.52
N LEU A 53 -10.11 3.11 -3.98
CA LEU A 53 -9.93 4.16 -2.98
C LEU A 53 -11.28 4.55 -2.36
N SER A 54 -12.38 4.03 -2.90
CA SER A 54 -13.72 4.35 -2.39
C SER A 54 -14.20 3.39 -1.31
N LYS A 55 -13.47 2.32 -1.03
CA LYS A 55 -13.92 1.40 0.03
C LYS A 55 -13.90 2.14 1.36
N LYS A 56 -14.87 1.85 2.22
CA LYS A 56 -14.93 2.58 3.49
C LYS A 56 -13.78 2.15 4.40
N ALA A 57 -13.41 0.88 4.38
CA ALA A 57 -12.36 0.41 5.27
C ALA A 57 -11.14 0.02 4.46
N TRP A 58 -9.94 0.36 4.93
CA TRP A 58 -8.71 0.08 4.18
C TRP A 58 -8.76 0.34 2.70
N PRO A 59 -9.16 1.54 2.26
CA PRO A 59 -9.16 1.85 0.83
C PRO A 59 -7.72 1.84 0.36
N GLY A 60 -7.48 1.45 -0.88
CA GLY A 60 -6.17 1.51 -1.50
C GLY A 60 -5.13 0.56 -0.93
N VAL A 61 -5.58 -0.47 -0.23
CA VAL A 61 -4.68 -1.40 0.45
C VAL A 61 -4.51 -2.67 -0.34
N TRP A 62 -3.31 -3.20 -0.51
CA TRP A 62 -3.14 -4.50 -1.13
C TRP A 62 -3.57 -5.63 -0.18
N THR A 63 -4.23 -6.66 -0.70
CA THR A 63 -4.83 -7.66 0.19
C THR A 63 -5.10 -8.96 -0.53
N ASN A 64 -5.66 -9.96 0.16
CA ASN A 64 -5.88 -11.22 -0.54
C ASN A 64 -7.07 -11.08 -1.46
N SER A 65 -7.40 -12.08 -2.27
CA SER A 65 -8.26 -11.84 -3.43
C SER A 65 -9.59 -11.16 -3.16
N VAL A 66 -10.37 -11.68 -2.21
CA VAL A 66 -11.73 -11.20 -2.08
C VAL A 66 -12.26 -11.48 -0.67
N CYS A 67 -12.87 -10.45 -0.10
CA CYS A 67 -13.56 -10.53 1.17
C CYS A 67 -14.96 -9.97 1.00
N GLY A 68 -15.83 -10.35 1.93
CA GLY A 68 -17.19 -9.88 1.87
C GLY A 68 -17.95 -10.27 3.12
N HIS A 69 -19.27 -10.14 3.03
CA HIS A 69 -20.16 -10.24 4.19
C HIS A 69 -21.33 -11.15 3.84
N PRO A 70 -21.38 -12.37 4.39
CA PRO A 70 -22.49 -13.27 4.05
C PRO A 70 -23.81 -12.61 4.42
N GLN A 71 -24.88 -12.76 3.64
CA GLN A 71 -26.17 -12.20 4.05
C GLN A 71 -26.95 -13.25 4.87
N LEU A 72 -28.05 -12.86 5.49
CA LEU A 72 -28.81 -13.84 6.27
C LEU A 72 -29.17 -15.07 5.44
N GLY A 73 -28.83 -16.22 6.01
CA GLY A 73 -29.18 -17.49 5.41
C GLY A 73 -28.36 -17.83 4.19
N GLU A 74 -27.30 -17.07 3.92
CA GLU A 74 -26.40 -17.40 2.79
C GLU A 74 -25.25 -18.23 3.31
N SER A 75 -24.90 -19.30 2.60
CA SER A 75 -23.69 -20.02 2.96
C SER A 75 -22.42 -19.22 2.67
N ASN A 76 -21.37 -19.48 3.44
CA ASN A 76 -20.08 -18.84 3.22
C ASN A 76 -19.61 -19.12 1.79
N GLU A 77 -19.76 -20.37 1.36
CA GLU A 77 -19.34 -20.70 0.00
C GLU A 77 -20.11 -19.86 -1.01
N ASP A 78 -21.40 -19.65 -0.77
CA ASP A 78 -22.18 -18.87 -1.71
C ASP A 78 -21.80 -17.40 -1.63
N ALA A 79 -21.39 -16.94 -0.44
CA ALA A 79 -21.00 -15.54 -0.34
C ALA A 79 -19.71 -15.30 -1.11
N VAL A 80 -18.78 -16.25 -1.02
CA VAL A 80 -17.53 -16.13 -1.76
C VAL A 80 -17.84 -16.05 -3.25
N ILE A 81 -18.65 -17.00 -3.71
CA ILE A 81 -18.99 -17.08 -5.13
C ILE A 81 -19.61 -15.77 -5.57
N ARG A 82 -20.51 -15.25 -4.72
CA ARG A 82 -21.20 -14.03 -5.05
C ARG A 82 -20.23 -12.86 -5.15
N ARG A 83 -19.34 -12.72 -4.17
CA ARG A 83 -18.50 -11.52 -4.24
C ARG A 83 -17.45 -11.69 -5.32
N CYS A 84 -17.13 -12.94 -5.66
CA CYS A 84 -16.13 -13.12 -6.73
C CYS A 84 -16.72 -12.60 -8.02
N ARG A 85 -18.01 -12.90 -8.19
CA ARG A 85 -18.66 -12.44 -9.40
C ARG A 85 -18.78 -10.92 -9.36
N TYR A 86 -19.21 -10.41 -8.20
CA TYR A 86 -19.47 -8.99 -8.10
C TYR A 86 -18.19 -8.16 -8.21
N GLU A 87 -17.13 -8.55 -7.52
CA GLU A 87 -15.95 -7.68 -7.48
C GLU A 87 -15.02 -7.91 -8.66
N LEU A 88 -14.93 -9.17 -9.08
CA LEU A 88 -13.96 -9.58 -10.08
C LEU A 88 -14.56 -10.22 -11.33
N GLY A 89 -15.88 -10.31 -11.48
CA GLY A 89 -16.57 -10.90 -12.60
C GLY A 89 -16.08 -12.29 -12.94
N VAL A 90 -15.65 -13.03 -11.94
CA VAL A 90 -15.00 -14.32 -12.13
C VAL A 90 -15.78 -15.48 -11.50
N GLU A 91 -15.75 -16.59 -12.22
CA GLU A 91 -16.31 -17.89 -11.91
C GLU A 91 -15.24 -18.68 -11.18
N ILE A 92 -15.63 -19.48 -10.18
CA ILE A 92 -14.64 -20.15 -9.37
C ILE A 92 -15.07 -21.60 -9.08
N THR A 93 -14.13 -22.39 -8.62
CA THR A 93 -14.40 -23.77 -8.20
C THR A 93 -15.03 -23.73 -6.83
N PRO A 94 -15.66 -24.80 -6.36
CA PRO A 94 -16.27 -24.75 -5.03
C PRO A 94 -15.25 -24.36 -3.96
N PRO A 95 -15.52 -23.27 -3.23
CA PRO A 95 -14.58 -22.81 -2.20
C PRO A 95 -14.29 -23.88 -1.13
N GLU A 96 -13.02 -23.97 -0.76
CA GLU A 96 -12.49 -24.89 0.23
C GLU A 96 -12.00 -24.15 1.48
N SER A 97 -12.22 -24.77 2.63
CA SER A 97 -11.89 -24.23 3.94
C SER A 97 -10.39 -24.17 4.20
N ILE A 98 -9.85 -22.99 4.52
CA ILE A 98 -8.42 -23.01 4.84
C ILE A 98 -8.14 -22.47 6.24
N TYR A 99 -9.04 -21.67 6.81
CA TYR A 99 -8.88 -21.14 8.16
C TYR A 99 -10.25 -20.83 8.75
N PRO A 100 -10.94 -21.86 9.22
CA PRO A 100 -12.32 -21.71 9.69
C PRO A 100 -12.47 -20.84 10.91
N ASP A 101 -11.48 -20.73 11.79
CA ASP A 101 -11.74 -20.04 13.06
C ASP A 101 -11.12 -18.65 13.10
N PHE A 102 -10.72 -18.11 11.96
CA PHE A 102 -10.15 -16.76 11.99
C PHE A 102 -11.18 -15.72 12.45
N ARG A 103 -10.74 -14.85 13.35
CA ARG A 103 -11.52 -13.76 13.91
C ARG A 103 -10.57 -12.60 14.15
N TYR A 104 -10.95 -11.36 13.86
CA TYR A 104 -9.96 -10.31 14.11
C TYR A 104 -10.64 -8.96 14.30
N ARG A 105 -9.87 -8.04 14.87
CA ARG A 105 -10.35 -6.67 15.00
C ARG A 105 -9.18 -5.77 14.60
N ALA A 106 -9.41 -4.78 13.75
CA ALA A 106 -8.28 -3.90 13.42
C ALA A 106 -8.84 -2.53 13.03
N THR A 107 -7.97 -1.53 13.07
CA THR A 107 -8.36 -0.14 12.79
C THR A 107 -7.55 0.37 11.60
N ASP A 108 -8.24 0.93 10.62
CA ASP A 108 -7.48 1.37 9.43
C ASP A 108 -6.88 2.75 9.66
N PRO A 109 -6.05 3.27 8.77
CA PRO A 109 -5.46 4.59 8.96
C PRO A 109 -6.45 5.71 9.19
N SER A 110 -7.71 5.65 8.77
CA SER A 110 -8.58 6.79 9.05
C SER A 110 -9.41 6.59 10.31
N GLY A 111 -9.20 5.47 10.99
CA GLY A 111 -9.90 5.13 12.20
C GLY A 111 -11.08 4.20 11.95
N ILE A 112 -11.29 3.68 10.74
CA ILE A 112 -12.42 2.77 10.50
C ILE A 112 -12.02 1.36 10.94
N VAL A 113 -12.91 0.70 11.71
CA VAL A 113 -12.59 -0.60 12.27
C VAL A 113 -13.26 -1.74 11.54
N GLU A 114 -12.56 -2.85 11.39
CA GLU A 114 -13.26 -4.09 11.03
C GLU A 114 -13.22 -4.97 12.29
N ASN A 115 -14.31 -5.68 12.49
CA ASN A 115 -14.42 -6.49 13.72
C ASN A 115 -15.26 -7.70 13.33
N GLU A 116 -14.57 -8.81 13.06
CA GLU A 116 -15.25 -9.86 12.32
C GLU A 116 -14.88 -11.26 12.76
N VAL A 117 -15.92 -12.09 12.65
CA VAL A 117 -15.72 -13.53 12.56
C VAL A 117 -15.56 -13.78 11.07
N CYS A 118 -14.40 -14.27 10.68
CA CYS A 118 -14.09 -14.23 9.26
C CYS A 118 -13.43 -15.50 8.76
N PRO A 119 -14.23 -16.54 8.55
CA PRO A 119 -13.72 -17.81 8.02
C PRO A 119 -13.05 -17.58 6.65
N VAL A 120 -11.96 -18.28 6.42
CA VAL A 120 -11.08 -18.13 5.27
C VAL A 120 -11.19 -19.34 4.34
N PHE A 121 -11.27 -19.05 3.05
CA PHE A 121 -11.43 -20.02 1.99
C PHE A 121 -10.41 -19.85 0.87
N ALA A 122 -10.28 -20.87 0.06
CA ALA A 122 -9.49 -20.77 -1.17
C ALA A 122 -10.28 -21.40 -2.32
N ALA A 123 -10.08 -20.88 -3.53
CA ALA A 123 -10.69 -21.50 -4.71
C ALA A 123 -9.83 -21.22 -5.94
N ARG A 124 -10.19 -21.85 -7.05
CA ARG A 124 -9.52 -21.60 -8.32
C ARG A 124 -10.50 -20.89 -9.26
N THR A 125 -10.01 -19.92 -10.02
CA THR A 125 -10.81 -19.21 -11.01
C THR A 125 -11.03 -20.13 -12.21
N THR A 126 -12.20 -20.08 -12.83
CA THR A 126 -12.46 -20.88 -14.01
C THR A 126 -12.83 -20.01 -15.20
N SER A 127 -12.72 -18.69 -15.03
CA SER A 127 -12.93 -17.76 -16.13
C SER A 127 -11.96 -16.58 -15.97
N ALA A 128 -11.88 -15.74 -16.99
CA ALA A 128 -11.07 -14.53 -16.95
C ALA A 128 -11.61 -13.51 -15.98
N LEU A 129 -10.78 -12.72 -15.28
CA LEU A 129 -11.39 -11.64 -14.52
C LEU A 129 -12.01 -10.56 -15.41
N GLN A 130 -13.02 -9.91 -14.87
CA GLN A 130 -13.67 -8.73 -15.44
C GLN A 130 -13.89 -7.78 -14.27
N ILE A 131 -12.99 -6.83 -14.14
CA ILE A 131 -12.84 -6.03 -12.93
C ILE A 131 -13.94 -5.04 -12.72
N ASN A 132 -14.41 -4.97 -11.47
CA ASN A 132 -15.33 -3.95 -11.01
C ASN A 132 -14.52 -2.87 -10.33
N ASP A 133 -14.34 -1.72 -11.02
CA ASP A 133 -13.46 -0.71 -10.43
C ASP A 133 -14.11 0.05 -9.29
N ASP A 134 -15.33 -0.27 -8.84
CA ASP A 134 -15.86 0.31 -7.61
C ASP A 134 -15.33 -0.43 -6.38
N GLU A 135 -14.72 -1.59 -6.61
CA GLU A 135 -14.23 -2.47 -5.57
C GLU A 135 -12.73 -2.67 -5.61
N VAL A 136 -12.18 -2.74 -6.82
CA VAL A 136 -10.79 -3.08 -7.04
C VAL A 136 -10.14 -2.10 -8.01
N MET A 137 -9.06 -1.46 -7.57
CA MET A 137 -8.35 -0.43 -8.31
C MET A 137 -7.09 -0.95 -9.00
N ASP A 138 -6.65 -2.14 -8.65
CA ASP A 138 -5.44 -2.74 -9.21
C ASP A 138 -5.38 -4.19 -8.75
N TYR A 139 -4.61 -5.02 -9.45
CA TYR A 139 -4.48 -6.40 -8.99
C TYR A 139 -3.18 -6.94 -9.63
N GLN A 140 -2.71 -8.05 -9.10
CA GLN A 140 -1.50 -8.70 -9.56
C GLN A 140 -1.64 -10.21 -9.40
N TRP A 141 -1.36 -10.92 -10.48
CA TRP A 141 -1.16 -12.37 -10.45
C TRP A 141 0.29 -12.65 -10.08
N CYS A 142 0.50 -13.43 -9.00
CA CYS A 142 1.88 -13.66 -8.58
C CYS A 142 2.07 -15.04 -7.97
N ASP A 143 3.34 -15.40 -7.71
CA ASP A 143 3.62 -16.67 -7.03
C ASP A 143 3.25 -16.55 -5.56
N LEU A 144 2.48 -17.48 -5.00
CA LEU A 144 2.23 -17.43 -3.56
C LEU A 144 3.52 -17.30 -2.75
N ALA A 145 4.59 -17.97 -3.13
CA ALA A 145 5.85 -17.90 -2.40
C ALA A 145 6.35 -16.47 -2.26
N ASP A 146 6.25 -15.70 -3.33
CA ASP A 146 6.81 -14.35 -3.24
C ASP A 146 5.92 -13.50 -2.32
N VAL A 147 4.60 -13.75 -2.42
CA VAL A 147 3.68 -12.94 -1.59
C VAL A 147 3.95 -13.19 -0.12
N LEU A 148 4.24 -14.45 0.21
CA LEU A 148 4.54 -14.78 1.61
C LEU A 148 5.82 -14.09 2.05
N HIS A 149 6.81 -14.06 1.16
CA HIS A 149 8.07 -13.40 1.45
C HIS A 149 7.84 -11.92 1.76
N GLY A 150 7.02 -11.27 0.93
CA GLY A 150 6.71 -9.86 1.17
C GLY A 150 5.90 -9.67 2.42
N ILE A 151 4.94 -10.56 2.67
CA ILE A 151 4.16 -10.46 3.90
C ILE A 151 5.07 -10.67 5.10
N ASP A 152 6.02 -11.59 4.98
CA ASP A 152 6.93 -11.79 6.10
C ASP A 152 7.93 -10.66 6.29
N ALA A 153 8.24 -9.93 5.22
CA ALA A 153 9.29 -8.92 5.35
C ALA A 153 8.70 -7.54 5.67
N THR A 154 7.67 -7.13 4.94
CA THR A 154 6.99 -5.85 5.12
C THR A 154 5.49 -6.06 5.30
N PRO A 155 5.09 -6.60 6.45
CA PRO A 155 3.67 -6.91 6.64
C PRO A 155 2.81 -5.66 6.51
N TRP A 156 3.34 -4.51 6.93
CA TRP A 156 2.61 -3.25 6.90
C TRP A 156 2.19 -2.86 5.49
N ALA A 157 2.73 -3.49 4.44
CA ALA A 157 2.37 -3.09 3.09
C ALA A 157 1.15 -3.86 2.59
N PHE A 158 0.56 -4.70 3.44
CA PHE A 158 -0.60 -5.50 3.12
C PHE A 158 -1.69 -5.31 4.19
N SER A 159 -2.94 -5.69 3.91
CA SER A 159 -3.98 -5.58 4.92
C SER A 159 -3.61 -6.39 6.15
N PRO A 160 -4.03 -5.95 7.33
CA PRO A 160 -3.70 -6.65 8.58
C PRO A 160 -4.31 -8.04 8.64
N TRP A 161 -5.49 -8.22 8.05
CA TRP A 161 -6.05 -9.58 8.03
C TRP A 161 -5.32 -10.47 7.03
N MET A 162 -4.90 -9.95 5.88
CA MET A 162 -4.13 -10.81 4.98
C MET A 162 -2.88 -11.30 5.70
N VAL A 163 -2.22 -10.42 6.47
CA VAL A 163 -1.01 -10.82 7.19
C VAL A 163 -1.33 -11.91 8.23
N MET A 164 -2.39 -11.68 9.01
CA MET A 164 -2.75 -12.64 10.06
C MET A 164 -3.11 -13.98 9.47
N GLN A 165 -3.87 -13.96 8.36
CA GLN A 165 -4.22 -15.26 7.79
C GLN A 165 -3.01 -15.99 7.26
N ALA A 166 -2.11 -15.26 6.59
CA ALA A 166 -0.97 -15.89 5.99
C ALA A 166 0.06 -16.32 7.03
N THR A 167 -0.01 -15.74 8.23
CA THR A 167 1.04 -16.13 9.16
C THR A 167 0.55 -17.18 10.16
N ASN A 168 -0.66 -17.69 10.00
CA ASN A 168 -1.16 -18.82 10.76
C ASN A 168 -0.69 -20.11 10.10
N ARG A 169 0.00 -20.95 10.86
CA ARG A 169 0.69 -22.12 10.34
C ARG A 169 -0.18 -22.98 9.43
N GLU A 170 -1.35 -23.38 9.92
CA GLU A 170 -2.17 -24.27 9.12
C GLU A 170 -2.66 -23.58 7.84
N ALA A 171 -3.03 -22.31 7.96
CA ALA A 171 -3.56 -21.61 6.80
C ALA A 171 -2.48 -21.53 5.73
N ARG A 172 -1.26 -21.26 6.19
CA ARG A 172 -0.19 -21.06 5.19
C ARG A 172 0.13 -22.40 4.53
N LYS A 173 0.00 -23.45 5.33
CA LYS A 173 0.21 -24.81 4.84
C LYS A 173 -0.82 -25.12 3.77
N ARG A 174 -2.07 -24.77 4.10
CA ARG A 174 -3.14 -25.13 3.16
C ARG A 174 -3.15 -24.24 1.92
N LEU A 175 -2.77 -22.97 2.02
CA LEU A 175 -2.68 -22.15 0.79
C LEU A 175 -1.53 -22.66 -0.09
N SER A 176 -0.45 -23.02 0.58
CA SER A 176 0.68 -23.70 -0.05
C SER A 176 0.22 -25.11 -0.39
N ALA A 177 -0.35 -25.26 -1.58
CA ALA A 177 -0.90 -26.51 -2.09
C ALA A 177 -1.82 -26.26 -3.29
N PHE A 178 -2.43 -25.08 -3.30
CA PHE A 178 -3.16 -24.53 -4.42
C PHE A 178 -2.20 -24.11 -5.53
N THR A 179 -0.90 -24.20 -5.26
CA THR A 179 0.06 -23.78 -6.29
C THR A 179 0.55 -24.99 -7.08
N GLU B 4 2.11 27.07 -5.15
CA GLU B 4 3.30 26.24 -5.28
C GLU B 4 3.55 25.85 -6.73
N HIS B 5 4.82 25.83 -7.13
CA HIS B 5 5.06 25.53 -8.54
C HIS B 5 6.09 24.43 -8.70
N VAL B 6 6.34 24.03 -9.94
CA VAL B 6 7.42 23.12 -10.27
C VAL B 6 8.35 23.83 -11.27
N ILE B 7 9.61 23.44 -11.24
CA ILE B 7 10.59 24.01 -12.18
C ILE B 7 10.69 23.15 -13.44
N LEU B 8 10.29 23.74 -14.56
CA LEU B 8 10.29 23.03 -15.82
C LEU B 8 11.71 22.92 -16.38
N LEU B 9 12.00 21.76 -16.95
CA LEU B 9 13.30 21.44 -17.52
C LEU B 9 13.12 21.02 -18.97
N ASN B 10 14.12 21.30 -19.80
CA ASN B 10 14.02 20.86 -21.18
C ASN B 10 14.73 19.51 -21.35
N ALA B 11 14.92 19.18 -22.62
CA ALA B 11 15.74 18.08 -23.07
C ALA B 11 16.95 17.84 -22.20
N GLN B 12 17.84 18.83 -22.06
CA GLN B 12 19.13 18.56 -21.44
C GLN B 12 19.15 18.63 -19.92
N GLY B 13 18.04 18.97 -19.25
CA GLY B 13 18.09 19.05 -17.80
C GLY B 13 18.27 20.50 -17.35
N VAL B 14 17.96 21.42 -18.25
CA VAL B 14 18.13 22.85 -18.00
C VAL B 14 16.78 23.53 -17.79
N PRO B 15 16.68 24.29 -16.71
CA PRO B 15 15.42 24.93 -16.33
C PRO B 15 14.99 25.92 -17.41
N THR B 16 13.70 25.98 -17.68
CA THR B 16 13.24 26.89 -18.72
C THR B 16 12.13 27.79 -18.18
N GLY B 17 11.72 27.53 -16.95
CA GLY B 17 10.59 28.25 -16.37
C GLY B 17 9.94 27.43 -15.26
N THR B 18 8.81 27.90 -14.77
CA THR B 18 8.01 27.30 -13.71
C THR B 18 6.55 27.15 -14.15
N LEU B 19 5.85 26.23 -13.49
CA LEU B 19 4.47 25.89 -13.75
C LEU B 19 3.72 25.61 -12.46
N GLU B 20 2.53 26.13 -12.24
CA GLU B 20 1.78 25.81 -11.02
C GLU B 20 1.73 24.28 -10.82
N LYS B 21 1.89 23.87 -9.58
CA LYS B 21 2.13 22.47 -9.26
C LYS B 21 0.95 21.56 -9.59
N TYR B 22 -0.23 21.89 -9.09
CA TYR B 22 -1.36 21.01 -9.39
C TYR B 22 -1.56 20.90 -10.90
N ALA B 23 -1.66 22.06 -11.56
CA ALA B 23 -1.83 22.08 -13.00
C ALA B 23 -0.78 21.27 -13.73
N ALA B 24 0.41 21.17 -13.14
CA ALA B 24 1.56 20.57 -13.80
C ALA B 24 1.40 19.07 -13.99
N HIS B 25 0.91 18.39 -12.95
CA HIS B 25 0.80 16.94 -12.93
C HIS B 25 -0.51 16.51 -13.56
N THR B 26 -0.43 16.03 -14.81
CA THR B 26 -1.61 15.62 -15.55
C THR B 26 -1.32 14.37 -16.36
N ALA B 27 -2.12 14.12 -17.40
CA ALA B 27 -1.83 12.95 -18.21
C ALA B 27 -0.63 13.22 -19.11
N ASP B 28 -0.19 14.48 -19.17
CA ASP B 28 0.92 14.80 -20.09
C ASP B 28 1.93 15.75 -19.44
N THR B 29 2.22 15.50 -18.18
CA THR B 29 3.19 16.21 -17.38
C THR B 29 4.49 16.50 -18.11
N ARG B 30 4.97 17.74 -18.09
CA ARG B 30 6.27 18.07 -18.64
C ARG B 30 7.39 17.78 -17.66
N LEU B 31 8.60 17.60 -18.18
CA LEU B 31 9.77 17.34 -17.35
C LEU B 31 10.04 18.50 -16.38
N HIS B 32 10.20 18.16 -15.10
CA HIS B 32 10.42 19.17 -14.08
C HIS B 32 11.27 18.60 -12.95
N LEU B 33 11.76 19.52 -12.11
CA LEU B 33 12.65 19.19 -11.01
C LEU B 33 11.89 18.66 -9.78
N ALA B 34 12.43 17.57 -9.24
CA ALA B 34 11.92 17.03 -7.98
C ALA B 34 13.06 16.54 -7.11
N PHE B 35 12.69 16.00 -5.94
CA PHE B 35 13.68 15.33 -5.12
C PHE B 35 12.98 14.15 -4.43
N SER B 36 13.78 13.22 -3.97
CA SER B 36 13.37 12.07 -3.17
C SER B 36 14.33 11.93 -2.00
N SER B 37 13.80 11.64 -0.80
CA SER B 37 14.67 11.50 0.35
C SER B 37 14.29 10.26 1.17
N TRP B 38 15.33 9.60 1.67
CA TRP B 38 15.24 8.46 2.56
C TRP B 38 15.77 8.87 3.94
N LEU B 39 14.92 8.77 4.95
CA LEU B 39 15.18 9.23 6.30
C LEU B 39 15.30 8.06 7.30
N PHE B 40 16.29 8.18 8.17
CA PHE B 40 16.66 7.18 9.15
C PHE B 40 16.73 7.81 10.53
N ASN B 41 16.30 7.08 11.54
CA ASN B 41 16.34 7.67 12.88
C ASN B 41 17.71 7.35 13.48
N ALA B 42 17.96 7.77 14.69
CA ALA B 42 19.23 7.53 15.36
C ALA B 42 19.64 6.08 15.32
N LYS B 43 18.64 5.22 15.54
CA LYS B 43 18.88 3.78 15.62
C LYS B 43 19.17 3.18 14.26
N GLY B 44 18.98 3.96 13.19
CA GLY B 44 19.30 3.41 11.88
C GLY B 44 18.11 2.76 11.21
N GLN B 45 16.90 2.90 11.77
CA GLN B 45 15.72 2.39 11.10
C GLN B 45 15.27 3.34 9.99
N LEU B 46 14.73 2.78 8.92
CA LEU B 46 14.22 3.60 7.82
C LEU B 46 12.77 3.99 8.07
N LEU B 47 12.45 5.24 7.77
CA LEU B 47 11.06 5.69 7.80
C LEU B 47 10.40 5.42 6.45
N VAL B 48 9.41 4.53 6.45
CA VAL B 48 8.64 4.36 5.21
C VAL B 48 7.31 5.05 5.37
N THR B 49 6.73 5.64 4.32
CA THR B 49 5.47 6.37 4.54
C THR B 49 4.41 5.95 3.55
N ARG B 50 3.15 6.20 3.90
CA ARG B 50 2.06 5.90 2.96
C ARG B 50 1.42 7.21 2.51
N ARG B 51 1.43 7.49 1.21
CA ARG B 51 0.87 8.73 0.68
C ARG B 51 -0.59 8.87 1.06
N ALA B 52 -1.03 10.09 1.41
CA ALA B 52 -2.44 10.24 1.79
C ALA B 52 -3.35 9.96 0.60
N LEU B 53 -4.63 9.65 0.90
CA LEU B 53 -5.57 9.31 -0.15
C LEU B 53 -5.87 10.52 -1.03
N SER B 54 -5.56 11.72 -0.54
CA SER B 54 -5.86 12.93 -1.30
C SER B 54 -4.73 13.37 -2.23
N LYS B 55 -3.56 12.74 -2.17
CA LYS B 55 -2.47 13.10 -3.08
C LYS B 55 -2.95 12.87 -4.49
N LYS B 56 -2.62 13.76 -5.43
CA LYS B 56 -3.11 13.63 -6.80
C LYS B 56 -2.46 12.45 -7.50
N ALA B 57 -1.20 12.16 -7.19
CA ALA B 57 -0.51 11.05 -7.83
C ALA B 57 -0.12 10.00 -6.79
N TRP B 58 -0.30 8.74 -7.14
CA TRP B 58 -0.15 7.57 -6.30
C TRP B 58 -0.70 7.75 -4.89
N PRO B 59 -1.99 8.11 -4.79
CA PRO B 59 -2.55 8.22 -3.44
C PRO B 59 -2.60 6.83 -2.81
N GLY B 60 -2.38 6.74 -1.51
CA GLY B 60 -2.55 5.51 -0.76
C GLY B 60 -1.48 4.47 -1.01
N VAL B 61 -0.36 4.91 -1.57
CA VAL B 61 0.73 4.00 -1.94
C VAL B 61 1.88 4.04 -0.95
N TRP B 62 2.46 2.90 -0.60
CA TRP B 62 3.61 2.89 0.31
C TRP B 62 4.87 3.30 -0.46
N THR B 63 5.74 4.08 0.18
CA THR B 63 6.87 4.67 -0.54
C THR B 63 8.01 5.07 0.37
N ASN B 64 9.10 5.65 -0.15
CA ASN B 64 10.15 6.07 0.81
C ASN B 64 9.73 7.37 1.48
N SER B 65 10.59 7.90 2.35
CA SER B 65 10.14 8.86 3.35
C SER B 65 9.50 10.12 2.82
N VAL B 66 10.16 10.84 1.93
CA VAL B 66 9.55 12.13 1.53
C VAL B 66 10.00 12.44 0.11
N CYS B 67 9.08 12.94 -0.71
CA CYS B 67 9.42 13.42 -2.05
C CYS B 67 8.85 14.82 -2.20
N GLY B 68 9.42 15.64 -3.07
CA GLY B 68 8.79 16.95 -3.22
C GLY B 68 9.40 17.67 -4.41
N HIS B 69 9.13 18.96 -4.48
CA HIS B 69 9.46 19.77 -5.64
C HIS B 69 10.12 21.05 -5.16
N PRO B 70 11.39 21.20 -5.49
CA PRO B 70 12.07 22.48 -5.20
C PRO B 70 11.29 23.62 -5.84
N GLN B 71 11.26 24.75 -5.13
CA GLN B 71 10.64 25.95 -5.66
C GLN B 71 11.73 26.92 -6.15
N LEU B 72 11.27 28.02 -6.74
CA LEU B 72 12.21 29.04 -7.24
C LEU B 72 13.12 29.51 -6.11
N GLY B 73 14.38 29.77 -6.43
CA GLY B 73 15.40 30.22 -5.51
C GLY B 73 15.87 29.18 -4.52
N GLU B 74 15.20 28.02 -4.47
CA GLU B 74 15.53 27.05 -3.44
C GLU B 74 16.50 26.00 -3.91
N SER B 75 17.49 25.65 -3.09
CA SER B 75 18.36 24.52 -3.39
C SER B 75 17.63 23.20 -3.14
N ASN B 76 18.05 22.12 -3.79
CA ASN B 76 17.41 20.84 -3.59
C ASN B 76 17.45 20.41 -2.13
N GLU B 77 18.54 20.70 -1.44
CA GLU B 77 18.66 20.33 -0.03
C GLU B 77 17.69 21.12 0.83
N ASP B 78 17.48 22.40 0.51
CA ASP B 78 16.54 23.16 1.34
C ASP B 78 15.11 22.66 1.09
N ALA B 79 14.86 22.18 -0.12
CA ALA B 79 13.54 21.62 -0.40
C ALA B 79 13.34 20.35 0.43
N VAL B 80 14.36 19.50 0.54
CA VAL B 80 14.29 18.30 1.40
C VAL B 80 13.88 18.71 2.81
N ILE B 81 14.59 19.71 3.36
CA ILE B 81 14.41 20.24 4.71
C ILE B 81 12.98 20.72 4.90
N ARG B 82 12.54 21.54 3.96
CA ARG B 82 11.18 22.08 3.97
C ARG B 82 10.13 20.97 3.95
N ARG B 83 10.23 20.02 3.03
CA ARG B 83 9.16 19.03 2.91
C ARG B 83 9.20 18.10 4.11
N CYS B 84 10.41 17.83 4.61
CA CYS B 84 10.44 16.99 5.82
C CYS B 84 9.69 17.67 6.95
N ARG B 85 9.85 18.99 7.02
CA ARG B 85 9.07 19.68 8.04
C ARG B 85 7.58 19.71 7.71
N TYR B 86 7.26 19.89 6.43
CA TYR B 86 5.86 20.08 6.10
C TYR B 86 5.08 18.76 6.19
N GLU B 87 5.70 17.70 5.65
CA GLU B 87 4.97 16.44 5.58
C GLU B 87 5.06 15.63 6.86
N LEU B 88 6.18 15.76 7.56
CA LEU B 88 6.51 14.87 8.66
C LEU B 88 6.76 15.58 9.98
N GLY B 89 6.81 16.91 9.94
CA GLY B 89 7.10 17.73 11.11
C GLY B 89 8.52 17.57 11.61
N VAL B 90 9.42 17.03 10.80
CA VAL B 90 10.66 16.52 11.39
C VAL B 90 11.92 17.27 10.96
N GLU B 91 12.82 17.45 11.92
CA GLU B 91 14.16 18.01 11.72
C GLU B 91 15.13 16.93 11.24
N ILE B 92 16.12 17.33 10.42
CA ILE B 92 17.02 16.33 9.84
C ILE B 92 18.45 16.86 9.86
N THR B 93 19.37 15.92 9.67
CA THR B 93 20.77 16.27 9.46
C THR B 93 20.95 16.67 8.00
N PRO B 94 22.06 17.28 7.62
CA PRO B 94 22.22 17.69 6.20
C PRO B 94 22.02 16.53 5.24
N PRO B 95 21.11 16.68 4.26
CA PRO B 95 20.86 15.56 3.34
C PRO B 95 22.10 15.26 2.48
N GLU B 96 22.40 13.98 2.39
CA GLU B 96 23.49 13.45 1.60
C GLU B 96 22.95 13.06 0.24
N SER B 97 23.73 13.35 -0.81
CA SER B 97 23.32 12.99 -2.17
C SER B 97 23.73 11.55 -2.43
N ILE B 98 22.74 10.71 -2.73
CA ILE B 98 23.02 9.29 -2.90
C ILE B 98 22.73 8.79 -4.30
N TYR B 99 22.04 9.57 -5.13
CA TYR B 99 21.73 9.16 -6.51
C TYR B 99 21.34 10.40 -7.30
N PRO B 100 22.32 11.22 -7.63
CA PRO B 100 22.05 12.58 -8.11
C PRO B 100 21.46 12.60 -9.52
N ASP B 101 21.67 11.53 -10.26
CA ASP B 101 21.27 11.37 -11.65
C ASP B 101 19.94 10.66 -11.83
N PHE B 102 19.23 10.37 -10.73
CA PHE B 102 17.96 9.66 -10.91
C PHE B 102 16.95 10.51 -11.65
N ARG B 103 16.32 9.88 -12.64
CA ARG B 103 15.28 10.54 -13.42
C ARG B 103 14.22 9.52 -13.73
N TYR B 104 12.93 9.86 -13.65
CA TYR B 104 11.96 8.84 -14.03
C TYR B 104 10.64 9.45 -14.51
N ARG B 105 10.00 8.62 -15.33
CA ARG B 105 8.68 8.96 -15.84
C ARG B 105 7.79 7.74 -15.63
N ALA B 106 6.57 7.99 -15.21
CA ALA B 106 5.71 6.86 -14.83
C ALA B 106 4.27 7.37 -14.78
N THR B 107 3.36 6.48 -15.14
CA THR B 107 1.94 6.75 -15.03
C THR B 107 1.36 6.01 -13.82
N ASP B 108 0.51 6.71 -13.10
CA ASP B 108 -0.03 6.24 -11.81
C ASP B 108 -1.31 5.47 -12.07
N PRO B 109 -1.92 4.81 -11.09
CA PRO B 109 -3.10 3.97 -11.37
C PRO B 109 -4.29 4.69 -11.98
N SER B 110 -4.42 6.01 -11.85
CA SER B 110 -5.55 6.73 -12.45
C SER B 110 -5.10 7.52 -13.68
N GLY B 111 -3.84 7.38 -14.06
CA GLY B 111 -3.36 7.99 -15.30
C GLY B 111 -2.63 9.30 -15.11
N ILE B 112 -2.35 9.71 -13.87
CA ILE B 112 -1.54 10.91 -13.67
C ILE B 112 -0.07 10.58 -13.89
N VAL B 113 0.62 11.42 -14.66
CA VAL B 113 2.02 11.14 -14.97
C VAL B 113 2.99 11.96 -14.13
N GLU B 114 4.05 11.30 -13.65
CA GLU B 114 5.15 12.08 -13.08
C GLU B 114 6.28 12.02 -14.11
N ASN B 115 6.96 13.14 -14.30
CA ASN B 115 8.03 13.19 -15.29
C ASN B 115 9.13 14.08 -14.75
N GLU B 116 10.13 13.47 -14.10
CA GLU B 116 10.99 14.23 -13.22
C GLU B 116 12.46 13.87 -13.33
N VAL B 117 13.25 14.93 -13.17
CA VAL B 117 14.62 14.92 -12.72
C VAL B 117 14.57 14.88 -11.19
N CYS B 118 15.00 13.77 -10.59
CA CYS B 118 14.72 13.60 -9.15
C CYS B 118 15.92 13.11 -8.37
N PRO B 119 16.85 13.99 -8.06
CA PRO B 119 18.00 13.58 -7.23
C PRO B 119 17.46 13.04 -5.91
N VAL B 120 18.17 12.05 -5.43
CA VAL B 120 17.87 11.31 -4.22
C VAL B 120 18.84 11.60 -3.10
N PHE B 121 18.29 11.78 -1.90
CA PHE B 121 19.09 12.08 -0.72
C PHE B 121 18.79 11.09 0.42
N ALA B 122 19.69 11.08 1.40
CA ALA B 122 19.45 10.44 2.68
C ALA B 122 19.83 11.38 3.82
N ALA B 123 19.15 11.21 4.96
CA ALA B 123 19.43 12.01 6.15
C ALA B 123 18.93 11.28 7.39
N ARG B 124 19.38 11.78 8.54
CA ARG B 124 18.96 11.35 9.85
C ARG B 124 17.90 12.29 10.41
N THR B 125 16.86 11.76 11.06
CA THR B 125 15.95 12.65 11.77
C THR B 125 16.59 12.97 13.12
N THR B 126 16.32 14.17 13.59
CA THR B 126 16.87 14.70 14.83
C THR B 126 15.79 15.19 15.75
N SER B 127 14.54 14.95 15.35
CA SER B 127 13.39 15.25 16.21
C SER B 127 12.31 14.17 16.03
N ALA B 128 11.32 14.19 16.90
CA ALA B 128 10.10 13.40 16.87
C ALA B 128 9.30 13.71 15.61
N LEU B 129 8.48 12.78 15.14
CA LEU B 129 7.60 13.07 14.00
C LEU B 129 6.38 13.88 14.44
N GLN B 130 5.86 14.73 13.58
CA GLN B 130 4.52 15.28 13.72
C GLN B 130 3.87 15.10 12.34
N ILE B 131 3.34 13.90 12.08
CA ILE B 131 2.81 13.63 10.75
C ILE B 131 1.75 14.60 10.33
N ASN B 132 1.77 15.00 9.06
CA ASN B 132 0.76 15.84 8.45
C ASN B 132 -0.20 14.98 7.64
N ASP B 133 -1.42 14.83 8.17
CA ASP B 133 -2.43 13.94 7.60
C ASP B 133 -2.91 14.39 6.23
N ASP B 134 -2.74 15.64 5.83
CA ASP B 134 -3.04 15.97 4.44
C ASP B 134 -2.00 15.39 3.48
N GLU B 135 -0.87 14.90 3.97
CA GLU B 135 0.11 14.37 3.05
C GLU B 135 0.47 12.91 3.30
N VAL B 136 0.40 12.48 4.55
CA VAL B 136 0.85 11.12 4.91
C VAL B 136 -0.23 10.46 5.75
N MET B 137 -0.63 9.24 5.38
CA MET B 137 -1.77 8.62 6.03
C MET B 137 -1.34 7.51 7.00
N ASP B 138 -0.07 7.15 6.94
CA ASP B 138 0.47 6.02 7.71
C ASP B 138 1.98 5.99 7.53
N TYR B 139 2.66 5.36 8.47
CA TYR B 139 4.11 5.30 8.36
C TYR B 139 4.61 4.13 9.21
N GLN B 140 5.85 3.75 9.02
CA GLN B 140 6.45 2.67 9.82
C GLN B 140 7.95 2.89 9.92
N TRP B 141 8.51 2.65 11.10
CA TRP B 141 9.96 2.58 11.27
C TRP B 141 10.38 1.14 11.02
N CYS B 142 11.31 0.90 10.12
CA CYS B 142 11.64 -0.45 9.70
C CYS B 142 13.16 -0.68 9.62
N ASP B 143 13.51 -1.95 9.56
CA ASP B 143 14.86 -2.33 9.17
C ASP B 143 14.99 -2.26 7.65
N LEU B 144 16.06 -1.61 7.19
CA LEU B 144 16.27 -1.46 5.77
C LEU B 144 16.27 -2.80 5.06
N ALA B 145 16.90 -3.81 5.67
CA ALA B 145 16.99 -5.10 5.00
C ALA B 145 15.62 -5.69 4.71
N ASP B 146 14.73 -5.48 5.68
CA ASP B 146 13.37 -6.00 5.58
C ASP B 146 12.66 -5.33 4.40
N VAL B 147 12.79 -4.01 4.37
CA VAL B 147 12.19 -3.25 3.27
C VAL B 147 12.75 -3.73 1.95
N LEU B 148 14.08 -3.89 1.87
CA LEU B 148 14.67 -4.34 0.60
C LEU B 148 14.16 -5.74 0.25
N HIS B 149 13.98 -6.61 1.23
CA HIS B 149 13.44 -7.95 0.90
C HIS B 149 12.00 -7.82 0.42
N GLY B 150 11.23 -6.91 1.01
CA GLY B 150 9.84 -6.71 0.60
C GLY B 150 9.76 -6.24 -0.84
N ILE B 151 10.63 -5.28 -1.20
CA ILE B 151 10.64 -4.74 -2.55
C ILE B 151 11.05 -5.77 -3.58
N ASP B 152 11.93 -6.67 -3.17
CA ASP B 152 12.35 -7.76 -4.06
C ASP B 152 11.24 -8.77 -4.33
N ALA B 153 10.51 -9.10 -3.29
CA ALA B 153 9.43 -10.08 -3.31
C ALA B 153 8.20 -9.58 -4.04
N THR B 154 7.71 -8.39 -3.70
CA THR B 154 6.46 -7.84 -4.21
C THR B 154 6.62 -6.37 -4.56
N PRO B 155 7.40 -6.11 -5.59
CA PRO B 155 7.72 -4.73 -5.95
C PRO B 155 6.49 -3.90 -6.27
N TRP B 156 5.41 -4.54 -6.70
CA TRP B 156 4.17 -3.90 -7.14
C TRP B 156 3.35 -3.29 -6.01
N ALA B 157 3.77 -3.60 -4.79
CA ALA B 157 3.13 -3.15 -3.57
C ALA B 157 3.66 -1.80 -3.13
N PHE B 158 4.65 -1.27 -3.85
CA PHE B 158 5.28 0.00 -3.51
C PHE B 158 5.30 0.99 -4.66
N SER B 159 5.60 2.25 -4.34
CA SER B 159 5.74 3.18 -5.46
C SER B 159 6.86 2.71 -6.37
N PRO B 160 6.71 2.93 -7.67
CA PRO B 160 7.75 2.52 -8.61
C PRO B 160 9.03 3.31 -8.37
N TRP B 161 8.94 4.58 -7.97
CA TRP B 161 10.23 5.27 -7.79
C TRP B 161 10.97 4.75 -6.56
N MET B 162 10.27 4.37 -5.51
CA MET B 162 10.95 3.74 -4.37
C MET B 162 11.70 2.50 -4.79
N VAL B 163 11.05 1.70 -5.63
CA VAL B 163 11.74 0.48 -6.04
C VAL B 163 12.92 0.78 -6.94
N MET B 164 12.78 1.75 -7.85
CA MET B 164 13.92 2.01 -8.73
C MET B 164 15.13 2.55 -7.97
N GLN B 165 14.88 3.40 -6.99
CA GLN B 165 16.00 3.95 -6.23
C GLN B 165 16.68 2.89 -5.39
N ALA B 166 15.88 2.04 -4.73
CA ALA B 166 16.44 1.05 -3.81
C ALA B 166 17.25 -0.01 -4.53
N THR B 167 16.89 -0.27 -5.79
CA THR B 167 17.72 -1.29 -6.45
C THR B 167 18.91 -0.69 -7.18
N ASN B 168 19.12 0.62 -7.07
CA ASN B 168 20.34 1.18 -7.64
C ASN B 168 21.47 0.83 -6.69
N ARG B 169 22.51 0.16 -7.20
CA ARG B 169 23.54 -0.38 -6.32
C ARG B 169 24.19 0.70 -5.46
N GLU B 170 24.52 1.82 -6.09
CA GLU B 170 25.21 2.89 -5.37
C GLU B 170 24.27 3.51 -4.35
N ALA B 171 23.04 3.83 -4.76
CA ALA B 171 22.15 4.41 -3.77
C ALA B 171 21.92 3.43 -2.62
N ARG B 172 21.75 2.14 -2.93
CA ARG B 172 21.50 1.14 -1.87
C ARG B 172 22.65 1.06 -0.88
N LYS B 173 23.88 1.25 -1.33
CA LYS B 173 25.01 1.20 -0.42
C LYS B 173 24.99 2.34 0.57
N ARG B 174 24.55 3.51 0.07
CA ARG B 174 24.45 4.65 0.98
C ARG B 174 23.31 4.44 1.94
N LEU B 175 22.20 3.87 1.45
CA LEU B 175 21.11 3.59 2.38
C LEU B 175 21.61 2.69 3.50
N SER B 176 22.38 1.67 3.11
CA SER B 176 22.92 0.78 4.13
C SER B 176 23.84 1.50 5.10
N ALA B 177 24.62 2.47 4.62
CA ALA B 177 25.43 3.19 5.61
C ALA B 177 24.53 3.87 6.63
N PHE B 178 23.30 4.28 6.26
CA PHE B 178 22.51 5.02 7.24
C PHE B 178 21.87 4.08 8.27
N THR B 179 22.12 2.77 8.19
CA THR B 179 21.53 1.89 9.20
C THR B 179 22.39 1.78 10.46
N GLN B 180 23.58 2.36 10.48
CA GLN B 180 24.40 2.35 11.69
C GLN B 180 23.70 3.08 12.82
N LEU B 181 23.82 2.56 14.05
CA LEU B 181 23.26 3.32 15.16
C LEU B 181 24.14 4.54 15.45
N LYS B 182 23.56 5.72 15.59
CA LYS B 182 24.31 6.96 15.73
C LYS B 182 23.72 7.80 16.85
N LEU B 183 24.46 8.01 17.93
CA LEU B 183 23.88 8.64 19.12
C LEU B 183 23.66 10.14 18.99
#